data_3MAJ
#
_entry.id   3MAJ
#
_cell.length_a   107.215
_cell.length_b   44.330
_cell.length_c   75.810
_cell.angle_alpha   90.00
_cell.angle_beta   90.00
_cell.angle_gamma   90.00
#
_symmetry.space_group_name_H-M   'P 21 21 2'
#
loop_
_entity.id
_entity.type
_entity.pdbx_description
1 polymer 'DNA processing chain A'
2 non-polymer 'SULFATE ION'
3 water water
#
_entity_poly.entity_id   1
_entity_poly.type   'polypeptide(L)'
_entity_poly.pdbx_seq_one_letter_code
;GH(MSE)DVGERSSDQGTTVLTEAQRIDW(MSE)RLIRAENVGPRTFRSLINHFGSARAALERLPELARRGGAARAGRIP
SEDEARREIEAGRRIGVELVAPGETGYPTRLATIDDAPPLLGVHALPEALAV(MSE)ARP(MSE)IAIVGSRNASGAGLK
FAGQLAADLGAAGFVVISGLARGIDQAAHRASLSSGTVAVLAGGHDKIYPAEHEDLLLDIIQTRGAAISE(MSE)PLGHV
PRGKDFPRRNRLISGASVGVAVIEAAYRSGSLITARRAADQGREVFAVPGSPLDPRAAGTNDLIKQGATLITSASDIVEA
VASILERPIELPGREPEHAPPEGEPDTGDRTRILALLGPSPVGIDDLIRLSGISPAVVRTILLELELAGRLERHGGSLVS
LS
;
_entity_poly.pdbx_strand_id   A
#
# COMPACT_ATOMS: atom_id res chain seq x y z
N GLY A 13 -9.85 0.80 -17.48
CA GLY A 13 -9.56 0.56 -16.04
C GLY A 13 -10.80 0.68 -15.18
N THR A 14 -10.70 0.32 -13.91
CA THR A 14 -11.83 0.41 -12.99
C THR A 14 -11.76 1.76 -12.27
N THR A 15 -12.91 2.46 -12.26
CA THR A 15 -13.09 3.76 -11.58
C THR A 15 -14.22 3.63 -10.56
N VAL A 16 -14.01 4.15 -9.36
CA VAL A 16 -14.97 4.00 -8.26
C VAL A 16 -15.48 5.37 -7.76
N LEU A 17 -14.70 6.42 -7.97
CA LEU A 17 -15.07 7.78 -7.56
C LEU A 17 -15.28 8.68 -8.77
N THR A 18 -16.28 9.56 -8.71
CA THR A 18 -16.46 10.60 -9.72
C THR A 18 -15.30 11.58 -9.52
N GLU A 19 -15.15 12.53 -10.45
CA GLU A 19 -14.10 13.55 -10.29
C GLU A 19 -14.40 14.43 -9.07
N ALA A 20 -15.69 14.75 -8.87
CA ALA A 20 -16.13 15.50 -7.68
C ALA A 20 -15.80 14.76 -6.37
N GLN A 21 -16.01 13.43 -6.33
CA GLN A 21 -15.66 12.62 -5.15
C GLN A 21 -14.15 12.58 -4.85
N ARG A 22 -13.35 12.40 -5.88
CA ARG A 22 -11.87 12.37 -5.74
C ARG A 22 -11.37 13.71 -5.18
N ILE A 23 -11.92 14.80 -5.67
CA ILE A 23 -11.63 16.13 -5.12
C ILE A 23 -11.97 16.20 -3.63
N ASP A 24 -13.17 15.78 -3.27
CA ASP A 24 -13.53 15.75 -1.86
C ASP A 24 -12.64 14.83 -1.03
N TRP A 25 -12.28 13.64 -1.57
CA TRP A 25 -11.31 12.76 -0.89
C TRP A 25 -9.97 13.47 -0.66
N ARG A 27 -9.46 16.82 -0.49
CA ARG A 27 -9.69 17.85 0.52
C ARG A 27 -9.65 17.27 1.93
N LEU A 28 -10.27 16.10 2.12
CA LEU A 28 -10.44 15.51 3.43
C LEU A 28 -9.15 14.92 4.01
N ILE A 29 -8.41 14.15 3.20
CA ILE A 29 -7.15 13.55 3.65
C ILE A 29 -6.07 14.60 3.95
N ARG A 30 -6.16 15.75 3.29
CA ARG A 30 -5.23 16.86 3.48
C ARG A 30 -5.67 17.82 4.60
N ALA A 31 -6.88 17.60 5.13
CA ALA A 31 -7.41 18.43 6.21
C ALA A 31 -6.60 18.27 7.47
N GLU A 32 -6.44 19.36 8.21
CA GLU A 32 -5.80 19.33 9.52
C GLU A 32 -6.44 18.30 10.43
N ASN A 33 -5.60 17.52 11.11
CA ASN A 33 -6.00 16.47 12.08
C ASN A 33 -6.72 15.27 11.48
N VAL A 34 -6.66 15.13 10.16
CA VAL A 34 -7.28 13.98 9.51
C VAL A 34 -6.14 13.13 8.92
N GLY A 35 -5.95 11.96 9.53
CA GLY A 35 -5.01 10.97 9.04
C GLY A 35 -5.78 9.83 8.38
N PRO A 36 -5.06 8.77 7.96
CA PRO A 36 -5.72 7.66 7.28
C PRO A 36 -6.77 6.98 8.17
N ARG A 37 -6.48 6.83 9.46
CA ARG A 37 -7.48 6.24 10.38
C ARG A 37 -8.70 7.13 10.64
N THR A 38 -8.46 8.43 10.77
CA THR A 38 -9.56 9.41 10.87
C THR A 38 -10.46 9.38 9.64
N PHE A 39 -9.82 9.39 8.46
CA PHE A 39 -10.53 9.36 7.19
C PHE A 39 -11.46 8.16 7.14
N ARG A 40 -10.91 6.98 7.44
CA ARG A 40 -11.70 5.74 7.48
C ARG A 40 -12.94 5.89 8.36
N SER A 41 -12.75 6.38 9.59
CA SER A 41 -13.84 6.49 10.55
C SER A 41 -14.88 7.51 10.10
N LEU A 42 -14.39 8.60 9.52
CA LEU A 42 -15.29 9.66 9.04
C LEU A 42 -16.22 9.13 7.96
N ILE A 43 -15.66 8.35 7.04
CA ILE A 43 -16.45 7.76 5.96
C ILE A 43 -17.37 6.68 6.52
N ASN A 44 -16.85 5.85 7.43
CA ASN A 44 -17.68 4.84 8.12
C ASN A 44 -18.90 5.49 8.74
N HIS A 45 -18.71 6.63 9.41
CA HIS A 45 -19.78 7.33 10.12
C HIS A 45 -20.69 8.20 9.23
N PHE A 46 -20.13 9.01 8.33
CA PHE A 46 -20.97 9.99 7.58
C PHE A 46 -21.37 9.56 6.17
N GLY A 47 -20.79 8.45 5.71
CA GLY A 47 -21.17 7.82 4.45
C GLY A 47 -20.49 8.34 3.19
N SER A 48 -19.87 9.52 3.28
CA SER A 48 -19.18 10.13 2.15
C SER A 48 -18.21 11.19 2.65
N ALA A 49 -17.23 11.52 1.82
CA ALA A 49 -16.28 12.57 2.15
C ALA A 49 -16.97 13.93 2.14
N ARG A 50 -17.88 14.12 1.19
N ARG A 50 -17.89 14.12 1.20
CA ARG A 50 -18.65 15.36 1.11
CA ARG A 50 -18.66 15.35 1.09
C ARG A 50 -19.34 15.65 2.44
C ARG A 50 -19.39 15.66 2.40
N ALA A 51 -20.06 14.65 2.95
CA ALA A 51 -20.78 14.79 4.23
C ALA A 51 -19.82 14.98 5.42
N ALA A 52 -18.65 14.31 5.38
CA ALA A 52 -17.66 14.46 6.44
C ALA A 52 -17.10 15.86 6.51
N LEU A 53 -16.78 16.42 5.34
CA LEU A 53 -16.20 17.77 5.24
C LEU A 53 -17.09 18.85 5.84
N GLU A 54 -18.41 18.70 5.70
CA GLU A 54 -19.35 19.65 6.28
C GLU A 54 -19.27 19.64 7.80
N ARG A 55 -19.06 18.46 8.39
CA ARG A 55 -19.08 18.35 9.85
C ARG A 55 -17.75 18.76 10.46
N LEU A 56 -16.69 18.69 9.66
CA LEU A 56 -15.34 19.00 10.14
C LEU A 56 -15.23 20.23 11.06
N PRO A 57 -15.80 21.39 10.67
CA PRO A 57 -15.68 22.51 11.61
C PRO A 57 -16.39 22.29 12.96
N GLU A 58 -17.67 21.91 12.93
CA GLU A 58 -18.39 21.65 14.18
C GLU A 58 -17.84 20.49 15.04
N LEU A 59 -17.31 19.44 14.41
CA LEU A 59 -16.66 18.34 15.14
C LEU A 59 -15.50 18.85 15.96
N ALA A 60 -14.60 19.60 15.32
CA ALA A 60 -13.44 20.19 15.99
C ALA A 60 -13.83 21.07 17.18
N ARG A 61 -14.81 21.96 16.98
CA ARG A 61 -15.27 22.86 18.05
C ARG A 61 -15.90 22.11 19.22
N ARG A 62 -16.80 21.17 18.90
CA ARG A 62 -17.46 20.31 19.88
C ARG A 62 -16.46 19.38 20.56
N GLY A 63 -15.41 19.04 19.83
CA GLY A 63 -14.27 18.31 20.38
C GLY A 63 -13.46 19.06 21.42
N GLY A 64 -13.55 20.39 21.39
CA GLY A 64 -12.93 21.23 22.41
C GLY A 64 -11.65 21.90 21.93
N ALA A 65 -11.51 22.03 20.61
CA ALA A 65 -10.38 22.75 20.04
C ALA A 65 -10.65 24.25 20.15
N ALA A 66 -9.58 25.05 20.17
CA ALA A 66 -9.72 26.49 20.24
C ALA A 66 -10.30 27.04 18.94
N ARG A 67 -9.61 26.77 17.83
CA ARG A 67 -9.93 27.38 16.53
C ARG A 67 -10.31 26.35 15.47
N ALA A 68 -10.71 26.85 14.30
CA ALA A 68 -11.06 26.01 13.15
C ALA A 68 -9.82 25.26 12.66
N GLY A 69 -10.00 23.98 12.33
CA GLY A 69 -8.93 23.22 11.66
C GLY A 69 -8.87 23.62 10.20
N ARG A 70 -7.65 23.67 9.63
CA ARG A 70 -7.44 24.01 8.22
C ARG A 70 -8.12 22.96 7.34
N ILE A 71 -8.90 23.42 6.36
CA ILE A 71 -9.54 22.52 5.38
C ILE A 71 -9.29 23.06 3.98
N PRO A 72 -8.56 22.29 3.13
CA PRO A 72 -8.27 22.75 1.77
C PRO A 72 -9.56 23.08 1.02
N SER A 73 -9.52 24.12 0.20
CA SER A 73 -10.65 24.46 -0.65
C SER A 73 -10.79 23.43 -1.76
N GLU A 74 -11.89 23.51 -2.49
CA GLU A 74 -12.11 22.73 -3.68
C GLU A 74 -11.02 23.03 -4.73
N ASP A 75 -10.72 24.32 -4.90
CA ASP A 75 -9.71 24.74 -5.87
C ASP A 75 -8.29 24.23 -5.55
N GLU A 76 -7.90 24.26 -4.29
CA GLU A 76 -6.59 23.74 -3.88
C GLU A 76 -6.46 22.22 -4.14
N ALA A 77 -7.49 21.47 -3.77
CA ALA A 77 -7.54 20.05 -4.03
C ALA A 77 -7.49 19.73 -5.54
N ARG A 78 -8.29 20.44 -6.32
CA ARG A 78 -8.29 20.25 -7.77
C ARG A 78 -6.91 20.55 -8.36
N ARG A 79 -6.29 21.67 -7.94
CA ARG A 79 -4.95 22.03 -8.41
C ARG A 79 -3.91 20.94 -8.10
N GLU A 80 -3.96 20.38 -6.89
N GLU A 80 -3.97 20.38 -6.90
CA GLU A 80 -3.04 19.30 -6.55
CA GLU A 80 -3.07 19.30 -6.52
C GLU A 80 -3.24 18.05 -7.44
C GLU A 80 -3.25 18.04 -7.39
N ILE A 81 -4.51 17.68 -7.69
CA ILE A 81 -4.83 16.54 -8.58
C ILE A 81 -4.34 16.82 -10.01
N GLU A 82 -4.57 18.03 -10.51
N GLU A 82 -4.59 18.05 -10.47
CA GLU A 82 -4.08 18.38 -11.84
CA GLU A 82 -4.13 18.53 -11.78
C GLU A 82 -2.54 18.47 -11.89
C GLU A 82 -2.60 18.54 -11.90
N ALA A 83 -1.93 19.09 -10.87
CA ALA A 83 -0.46 19.18 -10.84
C ALA A 83 0.20 17.78 -10.95
N GLY A 84 -0.36 16.80 -10.25
CA GLY A 84 0.05 15.37 -10.36
C GLY A 84 -0.12 14.73 -11.75
N ARG A 85 -1.29 14.94 -12.36
CA ARG A 85 -1.52 14.51 -13.74
C ARG A 85 -0.49 15.06 -14.72
N ARG A 86 -0.09 16.30 -14.52
CA ARG A 86 0.89 16.95 -15.38
C ARG A 86 2.27 16.30 -15.35
N ILE A 87 2.57 15.50 -14.32
CA ILE A 87 3.83 14.76 -14.30
C ILE A 87 3.62 13.26 -14.33
N GLY A 88 2.41 12.83 -14.70
CA GLY A 88 2.13 11.40 -14.91
C GLY A 88 1.62 10.62 -13.70
N VAL A 89 1.21 11.32 -12.64
CA VAL A 89 0.77 10.68 -11.42
C VAL A 89 -0.76 10.60 -11.46
N GLU A 90 -1.30 9.40 -11.25
CA GLU A 90 -2.73 9.19 -11.08
C GLU A 90 -3.03 8.97 -9.62
N LEU A 91 -4.07 9.63 -9.12
CA LEU A 91 -4.46 9.46 -7.72
C LEU A 91 -5.58 8.44 -7.70
N VAL A 92 -5.33 7.30 -7.07
CA VAL A 92 -6.26 6.19 -7.11
C VAL A 92 -6.79 5.85 -5.68
N ALA A 93 -8.02 5.32 -5.61
CA ALA A 93 -8.65 4.89 -4.37
C ALA A 93 -8.77 3.36 -4.35
N PRO A 94 -9.02 2.76 -3.14
CA PRO A 94 -9.23 1.32 -3.12
C PRO A 94 -10.33 0.87 -4.09
N GLY A 95 -10.09 -0.25 -4.79
CA GLY A 95 -11.03 -0.76 -5.77
C GLY A 95 -10.70 -0.35 -7.19
N GLU A 96 -9.89 0.70 -7.36
CA GLU A 96 -9.56 1.21 -8.71
C GLU A 96 -8.29 0.61 -9.30
N THR A 97 -8.17 0.67 -10.63
CA THR A 97 -6.96 0.21 -11.27
C THR A 97 -5.80 1.08 -10.77
N GLY A 98 -4.75 0.42 -10.29
CA GLY A 98 -3.58 1.10 -9.76
C GLY A 98 -3.51 1.04 -8.26
N TYR A 99 -4.60 0.66 -7.59
CA TYR A 99 -4.53 0.55 -6.13
C TYR A 99 -4.37 -0.91 -5.71
N PRO A 100 -3.21 -1.28 -5.13
CA PRO A 100 -2.95 -2.69 -4.80
C PRO A 100 -3.85 -3.18 -3.67
N THR A 101 -4.59 -4.26 -3.94
CA THR A 101 -5.68 -4.74 -3.04
C THR A 101 -5.28 -4.98 -1.61
N ARG A 102 -4.12 -5.58 -1.39
CA ARG A 102 -3.71 -5.94 -0.04
C ARG A 102 -3.49 -4.69 0.79
N LEU A 103 -3.09 -3.61 0.12
CA LEU A 103 -2.81 -2.36 0.81
C LEU A 103 -4.07 -1.76 1.42
N ALA A 104 -5.20 -1.92 0.73
CA ALA A 104 -6.46 -1.35 1.22
C ALA A 104 -6.88 -1.95 2.56
N THR A 105 -6.35 -3.13 2.90
CA THR A 105 -6.81 -3.90 4.09
C THR A 105 -6.04 -3.53 5.37
N ILE A 106 -4.98 -2.74 5.28
CA ILE A 106 -4.28 -2.29 6.51
C ILE A 106 -5.10 -1.23 7.28
N ASP A 107 -4.84 -1.09 8.59
CA ASP A 107 -5.65 -0.24 9.50
C ASP A 107 -5.60 1.22 9.09
N ASP A 108 -4.50 1.60 8.46
CA ASP A 108 -4.23 2.99 8.16
C ASP A 108 -3.87 3.13 6.68
N ALA A 109 -4.67 2.46 5.84
CA ALA A 109 -4.50 2.46 4.40
C ALA A 109 -4.60 3.89 3.89
N PRO A 110 -3.79 4.26 2.89
CA PRO A 110 -3.95 5.61 2.32
C PRO A 110 -5.25 5.69 1.49
N PRO A 111 -6.11 6.69 1.78
CA PRO A 111 -7.37 6.81 1.01
C PRO A 111 -7.09 7.08 -0.46
N LEU A 112 -6.10 7.93 -0.75
CA LEU A 112 -5.65 8.15 -2.12
C LEU A 112 -4.18 7.83 -2.25
N LEU A 113 -3.84 7.05 -3.27
CA LEU A 113 -2.49 6.68 -3.51
C LEU A 113 -2.08 7.29 -4.86
N GLY A 114 -1.01 8.07 -4.86
CA GLY A 114 -0.43 8.59 -6.10
C GLY A 114 0.45 7.53 -6.73
N VAL A 115 0.09 7.12 -7.94
CA VAL A 115 0.83 6.07 -8.64
C VAL A 115 1.36 6.63 -9.94
N HIS A 116 2.65 6.49 -10.12
CA HIS A 116 3.30 6.95 -11.34
C HIS A 116 3.79 5.74 -12.11
N ALA A 117 3.18 5.49 -13.27
CA ALA A 117 3.56 4.41 -14.17
C ALA A 117 3.32 4.89 -15.60
N LEU A 118 3.84 4.19 -16.59
CA LEU A 118 3.52 4.46 -17.98
C LEU A 118 2.00 4.42 -18.15
N PRO A 119 1.44 5.17 -19.14
CA PRO A 119 0.01 5.24 -19.42
C PRO A 119 -0.74 3.89 -19.44
N GLU A 120 -0.23 2.86 -20.10
CA GLU A 120 -1.04 1.63 -20.10
C GLU A 120 -0.60 0.58 -19.09
N ALA A 121 0.24 0.98 -18.13
CA ALA A 121 0.95 0.00 -17.29
C ALA A 121 0.46 -0.07 -15.84
N LEU A 122 -0.67 0.56 -15.56
CA LEU A 122 -1.18 0.67 -14.20
C LEU A 122 -1.53 -0.70 -13.58
N ALA A 123 -1.73 -1.70 -14.43
CA ALA A 123 -2.11 -3.04 -13.97
C ALA A 123 -0.99 -3.78 -13.24
N VAL A 124 0.23 -3.22 -13.26
CA VAL A 124 1.31 -3.84 -12.49
C VAL A 124 0.89 -3.91 -11.01
N ALA A 126 -1.89 -4.71 -9.70
CA ALA A 126 -2.82 -5.79 -9.37
C ALA A 126 -2.10 -7.12 -9.15
N ARG A 127 -0.80 -7.16 -9.44
CA ARG A 127 -0.02 -8.37 -9.34
C ARG A 127 0.47 -8.64 -7.91
N PRO A 128 0.72 -9.92 -7.58
CA PRO A 128 1.20 -10.24 -6.24
C PRO A 128 2.61 -9.71 -6.04
N ILE A 130 6.16 -9.15 -3.49
CA ILE A 130 6.97 -9.51 -2.35
C ILE A 130 7.86 -8.32 -2.05
N ALA A 131 7.89 -7.87 -0.79
CA ALA A 131 8.82 -6.81 -0.37
C ALA A 131 10.21 -7.37 -0.11
N ILE A 132 11.25 -6.69 -0.57
CA ILE A 132 12.62 -7.08 -0.27
C ILE A 132 13.27 -5.84 0.30
N VAL A 133 13.68 -5.95 1.56
CA VAL A 133 14.23 -4.81 2.29
C VAL A 133 15.47 -5.25 3.04
N GLY A 134 16.21 -4.29 3.58
CA GLY A 134 17.41 -4.63 4.35
C GLY A 134 18.37 -3.48 4.51
N SER A 135 19.54 -3.75 5.07
CA SER A 135 20.61 -2.76 5.31
C SER A 135 20.81 -1.75 4.20
N ARG A 136 20.88 -0.46 4.57
CA ARG A 136 21.40 0.57 3.68
C ARG A 136 22.92 0.40 3.47
N ASN A 137 23.66 0.08 4.54
CA ASN A 137 25.09 -0.32 4.45
C ASN A 137 25.16 -1.84 4.38
N ALA A 138 25.02 -2.39 3.17
CA ALA A 138 24.88 -3.81 2.98
C ALA A 138 26.22 -4.44 2.62
N SER A 139 26.41 -5.72 2.92
CA SER A 139 27.62 -6.41 2.50
C SER A 139 27.51 -6.76 1.02
N GLY A 140 28.67 -6.99 0.38
CA GLY A 140 28.75 -7.46 -1.01
C GLY A 140 27.91 -8.71 -1.22
N ALA A 141 28.01 -9.64 -0.28
CA ALA A 141 27.23 -10.86 -0.32
C ALA A 141 25.71 -10.65 -0.18
N GLY A 142 25.31 -9.73 0.70
CA GLY A 142 23.92 -9.34 0.85
C GLY A 142 23.30 -8.73 -0.39
N LEU A 143 24.04 -7.80 -1.01
CA LEU A 143 23.62 -7.19 -2.28
C LEU A 143 23.41 -8.24 -3.37
N LYS A 144 24.35 -9.19 -3.43
CA LYS A 144 24.29 -10.26 -4.41
C LYS A 144 23.07 -11.13 -4.16
N PHE A 145 22.86 -11.52 -2.90
CA PHE A 145 21.71 -12.35 -2.56
C PHE A 145 20.37 -11.63 -2.88
N ALA A 146 20.27 -10.34 -2.52
CA ALA A 146 19.08 -9.53 -2.71
C ALA A 146 18.72 -9.47 -4.19
N GLY A 147 19.74 -9.25 -5.03
CA GLY A 147 19.62 -9.23 -6.49
C GLY A 147 19.16 -10.55 -7.07
N GLN A 148 19.78 -11.66 -6.67
CA GLN A 148 19.36 -12.99 -7.12
C GLN A 148 17.93 -13.33 -6.65
N LEU A 149 17.63 -13.03 -5.39
CA LEU A 149 16.30 -13.27 -4.88
C LEU A 149 15.22 -12.49 -5.67
N ALA A 150 15.43 -11.20 -5.90
CA ALA A 150 14.48 -10.36 -6.66
C ALA A 150 14.32 -10.89 -8.09
N ALA A 151 15.43 -11.24 -8.75
CA ALA A 151 15.35 -11.78 -10.12
C ALA A 151 14.57 -13.11 -10.13
N ASP A 152 14.84 -13.97 -9.15
CA ASP A 152 14.10 -15.24 -9.05
C ASP A 152 12.61 -15.07 -8.74
N LEU A 153 12.26 -14.20 -7.79
CA LEU A 153 10.85 -13.98 -7.51
C LEU A 153 10.11 -13.40 -8.74
N GLY A 154 10.78 -12.46 -9.41
CA GLY A 154 10.23 -11.84 -10.62
C GLY A 154 10.02 -12.83 -11.72
N ALA A 155 11.00 -13.71 -11.92
CA ALA A 155 10.84 -14.81 -12.88
C ALA A 155 9.71 -15.78 -12.51
N ALA A 156 9.33 -15.85 -11.25
CA ALA A 156 8.22 -16.69 -10.82
C ALA A 156 6.89 -15.97 -11.02
N GLY A 157 6.93 -14.67 -11.27
CA GLY A 157 5.71 -13.90 -11.53
C GLY A 157 5.41 -12.79 -10.51
N PHE A 158 6.18 -12.70 -9.45
CA PHE A 158 5.96 -11.61 -8.49
C PHE A 158 6.50 -10.27 -8.91
N VAL A 159 5.86 -9.20 -8.46
CA VAL A 159 6.40 -7.85 -8.50
C VAL A 159 7.24 -7.69 -7.23
N VAL A 160 8.38 -7.03 -7.33
CA VAL A 160 9.22 -6.78 -6.16
C VAL A 160 8.93 -5.35 -5.73
N ILE A 161 8.52 -5.19 -4.47
CA ILE A 161 8.28 -3.87 -3.93
C ILE A 161 9.34 -3.56 -2.90
N SER A 162 9.83 -2.32 -2.94
CA SER A 162 10.82 -1.89 -2.00
C SER A 162 10.80 -0.36 -1.88
N GLY A 163 11.78 0.23 -1.18
CA GLY A 163 11.67 1.64 -0.80
C GLY A 163 12.72 2.56 -1.42
N LEU A 164 13.33 2.09 -2.52
CA LEU A 164 14.34 2.89 -3.23
C LEU A 164 15.57 3.28 -2.40
N ALA A 165 15.80 2.56 -1.31
CA ALA A 165 16.88 2.95 -0.41
C ALA A 165 18.24 2.50 -0.97
N ARG A 166 19.30 3.11 -0.46
CA ARG A 166 20.68 2.62 -0.68
C ARG A 166 20.76 1.19 -0.20
N GLY A 167 21.75 0.44 -0.70
CA GLY A 167 21.99 -0.92 -0.22
C GLY A 167 20.99 -1.95 -0.78
N ILE A 168 20.40 -2.73 0.10
CA ILE A 168 19.54 -3.83 -0.30
C ILE A 168 18.39 -3.45 -1.26
N ASP A 169 17.62 -2.40 -0.95
CA ASP A 169 16.48 -1.99 -1.79
C ASP A 169 16.89 -1.81 -3.25
N GLN A 170 17.89 -0.98 -3.51
CA GLN A 170 18.27 -0.74 -4.91
C GLN A 170 18.77 -1.97 -5.62
N ALA A 171 19.47 -2.86 -4.91
CA ALA A 171 19.93 -4.11 -5.53
C ALA A 171 18.73 -4.95 -5.96
N ALA A 172 17.70 -5.00 -5.12
CA ALA A 172 16.48 -5.69 -5.45
C ALA A 172 15.70 -5.00 -6.60
N HIS A 173 15.56 -3.67 -6.58
CA HIS A 173 14.91 -3.01 -7.73
C HIS A 173 15.69 -3.26 -9.05
N ARG A 174 17.00 -3.04 -9.03
CA ARG A 174 17.83 -3.18 -10.23
C ARG A 174 17.69 -4.56 -10.86
N ALA A 175 17.56 -5.61 -10.05
CA ALA A 175 17.56 -6.98 -10.60
C ALA A 175 16.14 -7.37 -11.00
N SER A 176 15.14 -6.60 -10.58
CA SER A 176 13.75 -6.93 -10.96
C SER A 176 13.08 -5.99 -11.97
N LEU A 177 13.88 -5.11 -12.60
CA LEU A 177 13.35 -4.17 -13.60
C LEU A 177 12.45 -4.83 -14.63
N SER A 178 12.96 -5.86 -15.30
CA SER A 178 12.24 -6.40 -16.43
C SER A 178 10.98 -7.18 -16.05
N SER A 179 10.92 -7.76 -14.86
CA SER A 179 9.70 -8.47 -14.46
C SER A 179 8.72 -7.53 -13.70
N GLY A 180 9.23 -6.40 -13.23
CA GLY A 180 8.36 -5.40 -12.63
C GLY A 180 8.69 -5.14 -11.19
N THR A 181 8.97 -3.87 -10.89
CA THR A 181 9.28 -3.51 -9.52
C THR A 181 8.52 -2.23 -9.17
N VAL A 182 8.20 -2.09 -7.90
CA VAL A 182 7.50 -0.90 -7.39
C VAL A 182 8.34 -0.24 -6.30
N ALA A 183 8.50 1.08 -6.39
CA ALA A 183 9.22 1.86 -5.39
C ALA A 183 8.22 2.69 -4.58
N VAL A 184 8.31 2.59 -3.26
CA VAL A 184 7.49 3.41 -2.38
C VAL A 184 8.31 4.64 -1.91
N LEU A 185 7.83 5.84 -2.25
CA LEU A 185 8.53 7.08 -1.96
C LEU A 185 8.12 7.64 -0.60
N ALA A 186 9.09 8.20 0.12
CA ALA A 186 8.81 8.74 1.45
C ALA A 186 8.21 10.15 1.33
N GLY A 187 8.45 10.80 0.18
CA GLY A 187 7.91 12.15 -0.04
C GLY A 187 7.14 12.27 -1.34
N GLY A 188 7.09 13.48 -1.86
CA GLY A 188 6.41 13.73 -3.14
C GLY A 188 7.05 12.98 -4.31
N HIS A 189 6.23 12.71 -5.32
CA HIS A 189 6.71 12.12 -6.57
C HIS A 189 7.82 12.92 -7.26
N ASP A 190 7.93 14.21 -6.96
CA ASP A 190 8.92 15.04 -7.63
C ASP A 190 10.13 15.33 -6.71
N LYS A 191 10.16 14.74 -5.50
CA LYS A 191 11.26 14.97 -4.54
C LYS A 191 11.90 13.64 -4.12
N ILE A 192 12.72 13.09 -5.00
CA ILE A 192 13.23 11.72 -4.80
C ILE A 192 14.37 11.69 -3.79
N TYR A 193 14.34 10.72 -2.87
CA TYR A 193 15.45 10.47 -1.94
C TYR A 193 15.71 8.97 -1.95
N PRO A 194 16.95 8.55 -2.07
CA PRO A 194 18.12 9.40 -2.25
C PRO A 194 18.22 10.00 -3.67
N ALA A 195 18.91 11.15 -3.77
CA ALA A 195 19.00 11.90 -5.04
C ALA A 195 19.66 11.04 -6.12
N GLU A 196 20.65 10.25 -5.70
CA GLU A 196 21.38 9.34 -6.56
C GLU A 196 20.51 8.24 -7.15
N HIS A 197 19.28 8.09 -6.66
CA HIS A 197 18.37 7.12 -7.26
C HIS A 197 17.30 7.67 -8.20
N GLU A 198 17.44 8.94 -8.60
CA GLU A 198 16.54 9.49 -9.63
C GLU A 198 16.57 8.68 -10.92
N ASP A 199 17.78 8.29 -11.35
CA ASP A 199 17.97 7.56 -12.59
C ASP A 199 17.29 6.17 -12.51
N LEU A 200 17.58 5.45 -11.43
CA LEU A 200 16.96 4.19 -11.13
C LEU A 200 15.42 4.27 -11.17
N LEU A 201 14.84 5.26 -10.51
CA LEU A 201 13.38 5.44 -10.52
C LEU A 201 12.79 5.56 -11.94
N LEU A 202 13.44 6.36 -12.77
CA LEU A 202 13.05 6.48 -14.15
C LEU A 202 13.15 5.13 -14.87
N ASP A 203 14.20 4.34 -14.59
CA ASP A 203 14.33 3.02 -15.20
C ASP A 203 13.20 2.07 -14.74
N ILE A 204 12.82 2.14 -13.48
CA ILE A 204 11.65 1.44 -12.97
C ILE A 204 10.37 1.77 -13.77
N ILE A 205 10.08 3.06 -13.97
CA ILE A 205 8.91 3.47 -14.74
C ILE A 205 9.01 2.97 -16.19
N GLN A 206 10.18 3.16 -16.80
CA GLN A 206 10.42 2.80 -18.20
C GLN A 206 10.33 1.31 -18.46
N THR A 207 10.57 0.51 -17.42
CA THR A 207 10.49 -0.94 -17.60
C THR A 207 9.15 -1.49 -17.08
N ARG A 208 8.14 -0.61 -17.04
N ARG A 208 8.13 -0.63 -17.06
CA ARG A 208 6.75 -0.99 -16.78
CA ARG A 208 6.73 -1.00 -16.77
C ARG A 208 6.47 -1.31 -15.30
C ARG A 208 6.45 -1.27 -15.29
N GLY A 209 7.25 -0.70 -14.40
CA GLY A 209 6.98 -0.77 -12.98
C GLY A 209 6.26 0.50 -12.54
N ALA A 210 6.46 0.90 -11.28
CA ALA A 210 5.74 2.08 -10.74
C ALA A 210 6.40 2.66 -9.54
N ALA A 211 6.16 3.96 -9.33
CA ALA A 211 6.50 4.56 -8.05
C ALA A 211 5.17 4.91 -7.37
N ILE A 212 5.08 4.69 -6.06
CA ILE A 212 3.88 5.05 -5.31
C ILE A 212 4.18 5.95 -4.13
N SER A 213 3.23 6.83 -3.82
CA SER A 213 3.38 7.71 -2.66
C SER A 213 2.04 8.23 -2.20
N GLU A 214 1.93 8.46 -0.89
CA GLU A 214 0.73 9.07 -0.33
C GLU A 214 0.97 10.55 0.01
N PRO A 216 2.07 14.73 -0.50
CA PRO A 216 1.77 15.78 -1.46
C PRO A 216 2.95 16.02 -2.40
N LEU A 217 2.63 16.51 -3.60
CA LEU A 217 3.65 17.00 -4.53
C LEU A 217 4.48 18.08 -3.84
N GLY A 218 5.79 18.08 -4.08
CA GLY A 218 6.68 19.09 -3.49
C GLY A 218 7.11 18.76 -2.07
N HIS A 219 6.62 17.64 -1.52
CA HIS A 219 7.01 17.27 -0.17
C HIS A 219 8.39 16.61 -0.13
N VAL A 220 9.38 17.37 0.36
CA VAL A 220 10.75 16.85 0.49
C VAL A 220 10.74 15.86 1.68
N PRO A 221 11.22 14.62 1.47
CA PRO A 221 11.21 13.62 2.54
C PRO A 221 12.06 14.09 3.73
N ARG A 222 11.50 13.92 4.92
CA ARG A 222 12.14 14.29 6.14
C ARG A 222 12.49 12.99 6.85
N GLY A 223 13.37 13.09 7.84
CA GLY A 223 13.73 11.92 8.63
C GLY A 223 12.55 11.06 9.00
N LYS A 224 11.54 11.67 9.60
CA LYS A 224 10.35 10.99 10.10
C LYS A 224 9.39 10.41 9.04
N ASP A 225 9.52 10.82 7.77
CA ASP A 225 8.66 10.29 6.70
C ASP A 225 9.02 8.85 6.30
N PHE A 226 10.25 8.43 6.59
CA PHE A 226 10.72 7.13 6.12
C PHE A 226 10.00 5.97 6.81
N PRO A 227 9.89 5.98 8.15
CA PRO A 227 9.16 4.91 8.85
C PRO A 227 7.69 4.81 8.46
N ARG A 228 7.08 5.97 8.22
CA ARG A 228 5.67 6.07 7.88
C ARG A 228 5.37 5.33 6.58
N ARG A 229 6.28 5.45 5.61
CA ARG A 229 6.16 4.85 4.28
C ARG A 229 6.34 3.32 4.32
N ASN A 230 7.00 2.83 5.37
CA ASN A 230 7.31 1.39 5.44
C ASN A 230 6.08 0.50 5.54
N ARG A 231 5.02 1.04 6.14
CA ARG A 231 3.77 0.29 6.28
C ARG A 231 3.14 0.04 4.90
N LEU A 232 3.46 0.89 3.94
CA LEU A 232 2.94 0.71 2.56
C LEU A 232 3.74 -0.37 1.83
N ILE A 233 5.04 -0.46 2.11
CA ILE A 233 5.87 -1.47 1.47
C ILE A 233 5.33 -2.86 1.91
N SER A 234 5.13 -3.04 3.23
CA SER A 234 4.64 -4.30 3.74
C SER A 234 3.17 -4.46 3.39
N GLY A 235 2.40 -3.38 3.50
CA GLY A 235 0.95 -3.38 3.28
C GLY A 235 0.51 -3.85 1.91
N ALA A 236 1.24 -3.46 0.87
CA ALA A 236 0.88 -3.90 -0.49
C ALA A 236 1.34 -5.36 -0.80
N SER A 237 2.24 -5.90 0.02
CA SER A 237 2.90 -7.17 -0.27
C SER A 237 2.09 -8.39 0.21
N VAL A 238 2.44 -9.57 -0.26
CA VAL A 238 1.95 -10.81 0.36
C VAL A 238 3.04 -11.45 1.24
N GLY A 239 4.10 -10.71 1.52
CA GLY A 239 5.23 -11.23 2.24
C GLY A 239 6.38 -10.26 2.16
N VAL A 240 7.16 -10.19 3.24
CA VAL A 240 8.27 -9.25 3.34
C VAL A 240 9.55 -10.02 3.61
N ALA A 241 10.52 -9.93 2.71
CA ALA A 241 11.80 -10.58 2.97
C ALA A 241 12.88 -9.60 3.44
N VAL A 242 13.50 -9.88 4.58
CA VAL A 242 14.59 -9.04 5.10
C VAL A 242 15.92 -9.72 4.83
N ILE A 243 16.81 -9.07 4.08
CA ILE A 243 18.03 -9.74 3.59
C ILE A 243 19.19 -9.65 4.60
N GLU A 244 19.36 -8.49 5.21
CA GLU A 244 20.46 -8.21 6.14
C GLU A 244 19.88 -7.12 6.99
N ALA A 245 20.26 -7.05 8.26
CA ALA A 245 19.81 -5.97 9.16
C ALA A 245 20.58 -6.08 10.47
N ALA A 246 21.38 -5.06 10.77
CA ALA A 246 21.97 -4.94 12.09
C ALA A 246 20.87 -4.43 13.04
N TYR A 247 21.09 -4.50 14.34
CA TYR A 247 20.20 -3.83 15.28
C TYR A 247 19.99 -2.36 14.82
N ARG A 248 18.76 -1.86 14.90
CA ARG A 248 18.40 -0.48 14.56
C ARG A 248 18.30 -0.21 13.07
N SER A 249 18.45 -1.23 12.23
CA SER A 249 18.21 -1.05 10.80
C SER A 249 16.75 -0.62 10.58
N GLY A 250 16.52 0.39 9.73
CA GLY A 250 15.15 0.80 9.34
C GLY A 250 14.34 -0.31 8.67
N SER A 251 15.02 -1.27 8.06
CA SER A 251 14.32 -2.39 7.45
C SER A 251 13.54 -3.24 8.49
N LEU A 252 13.99 -3.27 9.74
CA LEU A 252 13.27 -3.98 10.79
C LEU A 252 11.95 -3.29 11.13
N ILE A 253 11.85 -2.01 10.82
CA ILE A 253 10.56 -1.30 10.92
C ILE A 253 9.55 -1.90 9.91
N THR A 254 9.97 -2.09 8.68
CA THR A 254 9.13 -2.74 7.69
C THR A 254 8.68 -4.12 8.21
N ALA A 255 9.60 -4.87 8.84
CA ALA A 255 9.28 -6.21 9.38
C ALA A 255 8.21 -6.14 10.46
N ARG A 256 8.33 -5.13 11.34
CA ARG A 256 7.38 -4.89 12.42
C ARG A 256 6.01 -4.49 11.92
N ARG A 257 5.96 -3.62 10.93
CA ARG A 257 4.69 -3.30 10.25
C ARG A 257 4.09 -4.57 9.63
N ALA A 258 4.94 -5.37 9.00
CA ALA A 258 4.47 -6.57 8.30
C ALA A 258 3.77 -7.50 9.30
N ALA A 259 4.44 -7.75 10.43
CA ALA A 259 3.85 -8.54 11.51
C ALA A 259 2.53 -7.97 12.05
N ASP A 260 2.46 -6.67 12.35
CA ASP A 260 1.18 -6.02 12.75
C ASP A 260 0.06 -6.25 11.73
N GLN A 261 0.40 -6.20 10.46
CA GLN A 261 -0.60 -6.35 9.39
C GLN A 261 -0.96 -7.82 9.11
N GLY A 262 -0.19 -8.76 9.66
CA GLY A 262 -0.45 -10.20 9.43
C GLY A 262 0.26 -10.76 8.17
N ARG A 263 1.20 -10.02 7.58
CA ARG A 263 2.00 -10.52 6.44
C ARG A 263 3.09 -11.45 6.94
N GLU A 264 3.43 -12.47 6.15
CA GLU A 264 4.48 -13.37 6.55
C GLU A 264 5.81 -12.62 6.41
N VAL A 265 6.71 -12.81 7.37
CA VAL A 265 8.03 -12.19 7.32
C VAL A 265 9.06 -13.30 7.08
N PHE A 266 9.93 -13.09 6.10
CA PHE A 266 11.02 -13.98 5.76
C PHE A 266 12.36 -13.30 6.08
N ALA A 267 13.34 -14.06 6.57
CA ALA A 267 14.63 -13.47 6.91
C ALA A 267 15.74 -14.40 6.48
N VAL A 268 16.79 -13.81 5.95
CA VAL A 268 17.92 -14.57 5.51
C VAL A 268 18.84 -14.74 6.73
N PRO A 269 19.29 -15.97 7.03
CA PRO A 269 20.12 -16.21 8.23
C PRO A 269 21.56 -15.75 7.99
N GLY A 270 22.33 -15.61 9.06
CA GLY A 270 23.77 -15.37 8.94
C GLY A 270 24.45 -15.88 10.20
N SER A 271 25.78 -15.79 10.21
CA SER A 271 26.60 -16.23 11.31
C SER A 271 26.31 -15.35 12.55
N PRO A 272 26.32 -15.93 13.75
CA PRO A 272 26.16 -15.18 15.01
C PRO A 272 27.16 -14.05 15.13
N LEU A 273 28.33 -14.20 14.53
CA LEU A 273 29.34 -13.13 14.59
C LEU A 273 29.13 -11.97 13.59
N ASP A 274 28.31 -12.20 12.58
CA ASP A 274 28.02 -11.21 11.55
C ASP A 274 27.10 -10.09 12.09
N PRO A 275 27.60 -8.83 12.13
CA PRO A 275 26.75 -7.79 12.72
C PRO A 275 25.52 -7.54 11.87
N ARG A 276 25.58 -7.83 10.57
CA ARG A 276 24.44 -7.58 9.66
C ARG A 276 23.43 -8.73 9.72
N ALA A 277 23.70 -9.73 10.56
CA ALA A 277 22.78 -10.86 10.73
C ALA A 277 22.06 -10.80 12.09
N ALA A 278 22.41 -9.82 12.92
CA ALA A 278 21.82 -9.73 14.25
C ALA A 278 20.29 -9.54 14.18
N GLY A 279 19.84 -8.59 13.36
CA GLY A 279 18.42 -8.32 13.25
C GLY A 279 17.65 -9.42 12.55
N THR A 280 18.17 -9.94 11.45
CA THR A 280 17.52 -11.03 10.75
C THR A 280 17.47 -12.32 11.56
N ASN A 281 18.58 -12.67 12.22
CA ASN A 281 18.59 -13.85 13.10
C ASN A 281 17.59 -13.72 14.22
N ASP A 282 17.49 -12.52 14.79
CA ASP A 282 16.49 -12.28 15.81
C ASP A 282 15.04 -12.40 15.32
N LEU A 283 14.78 -11.92 14.11
CA LEU A 283 13.46 -12.09 13.48
C LEU A 283 13.10 -13.56 13.43
N ILE A 284 14.05 -14.38 13.00
CA ILE A 284 13.81 -15.82 12.98
C ILE A 284 13.49 -16.35 14.39
N LYS A 285 14.32 -15.99 15.40
CA LYS A 285 14.06 -16.43 16.76
C LYS A 285 12.62 -16.12 17.18
N GLN A 286 12.13 -14.96 16.74
CA GLN A 286 10.79 -14.46 17.13
C GLN A 286 9.66 -15.01 16.22
N GLY A 287 10.00 -15.84 15.22
CA GLY A 287 8.96 -16.51 14.42
C GLY A 287 8.97 -16.25 12.92
N ALA A 288 9.89 -15.41 12.42
CA ALA A 288 9.93 -15.21 10.98
C ALA A 288 10.46 -16.49 10.33
N THR A 289 10.15 -16.66 9.05
CA THR A 289 10.49 -17.86 8.29
C THR A 289 11.91 -17.71 7.74
N LEU A 290 12.77 -18.68 8.05
CA LEU A 290 14.14 -18.66 7.56
C LEU A 290 14.17 -18.97 6.04
N ILE A 291 14.83 -18.14 5.25
CA ILE A 291 14.91 -18.44 3.82
C ILE A 291 16.34 -18.49 3.37
N THR A 292 16.63 -19.41 2.46
CA THR A 292 17.91 -19.41 1.82
C THR A 292 17.75 -19.25 0.32
N SER A 293 16.51 -19.18 -0.16
CA SER A 293 16.26 -18.99 -1.59
C SER A 293 14.80 -18.64 -1.90
N ALA A 294 14.55 -18.19 -3.14
CA ALA A 294 13.22 -17.77 -3.52
C ALA A 294 12.20 -18.86 -3.34
N SER A 295 12.60 -20.13 -3.51
CA SER A 295 11.64 -21.25 -3.42
C SER A 295 10.98 -21.33 -2.01
N ASP A 296 11.70 -20.93 -0.97
CA ASP A 296 11.15 -20.94 0.42
C ASP A 296 9.99 -19.94 0.49
N ILE A 297 10.13 -18.80 -0.19
CA ILE A 297 9.04 -17.84 -0.21
C ILE A 297 7.88 -18.34 -1.10
N VAL A 298 8.20 -18.82 -2.31
CA VAL A 298 7.15 -19.25 -3.23
C VAL A 298 6.30 -20.36 -2.61
N GLU A 299 6.96 -21.31 -1.95
CA GLU A 299 6.24 -22.39 -1.27
C GLU A 299 5.35 -21.88 -0.14
N ALA A 300 5.83 -20.87 0.58
CA ALA A 300 5.08 -20.32 1.69
C ALA A 300 3.82 -19.59 1.23
N VAL A 301 3.92 -18.81 0.15
CA VAL A 301 2.81 -17.96 -0.25
C VAL A 301 1.88 -18.59 -1.28
N ALA A 302 2.27 -19.74 -1.85
CA ALA A 302 1.45 -20.49 -2.82
C ALA A 302 0.00 -20.59 -2.34
N SER A 303 -0.13 -21.01 -1.08
CA SER A 303 -1.38 -20.98 -0.30
C SER A 303 -2.39 -19.90 -0.73
N ILE A 304 -1.93 -18.64 -0.78
CA ILE A 304 -2.79 -17.51 -1.11
C ILE A 304 -2.51 -16.93 -2.51
N LEU A 305 -1.40 -16.18 -2.64
CA LEU A 305 -1.05 -15.47 -3.88
C LEU A 305 -0.63 -16.40 -5.02
N GLU A 322 -13.26 -9.46 -15.53
CA GLU A 322 -13.29 -10.51 -14.53
C GLU A 322 -14.01 -10.07 -13.24
N GLY A 323 -15.16 -10.70 -12.97
CA GLY A 323 -15.87 -10.57 -11.69
C GLY A 323 -15.62 -11.75 -10.77
N GLU A 324 -14.67 -12.61 -11.17
CA GLU A 324 -14.34 -13.86 -10.47
C GLU A 324 -13.52 -13.61 -9.20
N PRO A 325 -14.03 -14.10 -8.05
CA PRO A 325 -13.35 -13.93 -6.76
C PRO A 325 -12.06 -14.75 -6.66
N ASP A 326 -11.01 -14.12 -6.15
CA ASP A 326 -9.72 -14.78 -5.92
C ASP A 326 -9.65 -15.43 -4.53
N THR A 327 -8.63 -16.27 -4.32
CA THR A 327 -8.35 -16.87 -3.01
C THR A 327 -8.31 -15.82 -1.92
N GLY A 328 -9.21 -15.97 -0.94
CA GLY A 328 -9.25 -15.09 0.22
C GLY A 328 -10.35 -14.05 0.14
N ASP A 329 -10.79 -13.75 -1.08
CA ASP A 329 -11.75 -12.67 -1.31
C ASP A 329 -13.05 -12.90 -0.54
N ARG A 330 -13.65 -14.08 -0.73
CA ARG A 330 -14.88 -14.47 -0.04
C ARG A 330 -14.76 -14.36 1.48
N THR A 331 -13.66 -14.88 2.01
CA THR A 331 -13.39 -14.86 3.45
C THR A 331 -13.25 -13.42 3.98
N ARG A 332 -12.53 -12.58 3.24
CA ARG A 332 -12.33 -11.18 3.61
C ARG A 332 -13.64 -10.35 3.56
N ILE A 333 -14.50 -10.61 2.58
CA ILE A 333 -15.80 -9.92 2.52
C ILE A 333 -16.70 -10.34 3.69
N LEU A 334 -16.83 -11.64 3.91
CA LEU A 334 -17.60 -12.18 5.02
C LEU A 334 -17.19 -11.56 6.37
N ALA A 335 -15.88 -11.38 6.55
CA ALA A 335 -15.32 -10.83 7.78
C ALA A 335 -15.71 -9.36 7.99
N LEU A 336 -15.93 -8.62 6.91
CA LEU A 336 -16.35 -7.23 7.01
C LEU A 336 -17.85 -7.08 7.21
N LEU A 337 -18.58 -8.18 7.08
CA LEU A 337 -20.02 -8.14 7.29
C LEU A 337 -20.33 -8.47 8.74
N GLY A 338 -21.53 -8.12 9.17
CA GLY A 338 -21.98 -8.34 10.55
C GLY A 338 -23.45 -8.00 10.64
N PRO A 339 -23.98 -7.99 11.87
CA PRO A 339 -25.41 -7.79 12.09
C PRO A 339 -25.88 -6.36 11.75
N SER A 340 -24.93 -5.45 11.59
CA SER A 340 -25.20 -4.05 11.26
C SER A 340 -24.93 -3.75 9.78
N PRO A 341 -25.93 -3.15 9.08
CA PRO A 341 -25.85 -2.88 7.64
C PRO A 341 -24.64 -2.03 7.21
N VAL A 342 -24.01 -2.40 6.10
CA VAL A 342 -22.92 -1.63 5.46
C VAL A 342 -23.17 -1.48 3.95
N GLY A 343 -22.60 -0.42 3.35
CA GLY A 343 -22.73 -0.18 1.91
C GLY A 343 -21.74 -1.00 1.10
N ILE A 344 -22.12 -1.33 -0.13
CA ILE A 344 -21.15 -1.95 -1.05
C ILE A 344 -19.92 -1.02 -1.25
N ASP A 345 -20.15 0.30 -1.27
CA ASP A 345 -19.09 1.33 -1.28
C ASP A 345 -18.08 1.08 -0.16
N ASP A 346 -18.60 0.84 1.05
CA ASP A 346 -17.78 0.64 2.24
C ASP A 346 -16.92 -0.60 2.12
N LEU A 347 -17.53 -1.68 1.62
CA LEU A 347 -16.83 -2.94 1.46
C LEU A 347 -15.67 -2.82 0.48
N ILE A 348 -15.90 -2.12 -0.63
CA ILE A 348 -14.86 -1.85 -1.65
C ILE A 348 -13.71 -1.02 -1.07
N ARG A 349 -14.07 0.11 -0.45
CA ARG A 349 -13.10 0.99 0.21
C ARG A 349 -12.27 0.27 1.27
N LEU A 350 -12.94 -0.58 2.08
CA LEU A 350 -12.26 -1.29 3.18
C LEU A 350 -11.48 -2.55 2.80
N SER A 351 -11.79 -3.16 1.65
CA SER A 351 -11.16 -4.43 1.24
C SER A 351 -10.23 -4.30 0.06
N GLY A 352 -10.43 -3.26 -0.76
CA GLY A 352 -9.60 -3.06 -1.96
C GLY A 352 -9.96 -3.93 -3.14
N ILE A 353 -10.91 -4.83 -2.92
CA ILE A 353 -11.39 -5.79 -3.92
C ILE A 353 -12.24 -5.06 -5.00
N SER A 354 -12.05 -5.42 -6.27
CA SER A 354 -12.77 -4.76 -7.36
C SER A 354 -14.31 -4.81 -7.13
N PRO A 355 -15.05 -3.75 -7.57
CA PRO A 355 -16.51 -3.71 -7.52
C PRO A 355 -17.20 -4.95 -8.06
N ALA A 356 -16.76 -5.43 -9.23
CA ALA A 356 -17.36 -6.62 -9.85
C ALA A 356 -17.26 -7.87 -8.94
N VAL A 357 -16.11 -8.04 -8.29
CA VAL A 357 -15.86 -9.20 -7.43
C VAL A 357 -16.66 -9.15 -6.14
N VAL A 358 -16.74 -7.97 -5.53
CA VAL A 358 -17.57 -7.75 -4.33
C VAL A 358 -19.05 -8.02 -4.63
N ARG A 359 -19.54 -7.54 -5.76
CA ARG A 359 -20.92 -7.82 -6.16
C ARG A 359 -21.17 -9.33 -6.31
N THR A 360 -20.22 -10.05 -6.90
CA THR A 360 -20.33 -11.51 -7.10
C THR A 360 -20.44 -12.20 -5.73
N ILE A 361 -19.58 -11.79 -4.79
CA ILE A 361 -19.56 -12.39 -3.46
C ILE A 361 -20.89 -12.18 -2.71
N LEU A 362 -21.40 -10.95 -2.75
CA LEU A 362 -22.64 -10.62 -2.06
C LEU A 362 -23.81 -11.39 -2.70
N LEU A 363 -23.76 -11.54 -4.03
CA LEU A 363 -24.74 -12.36 -4.74
C LEU A 363 -24.70 -13.84 -4.33
N GLU A 364 -23.49 -14.38 -4.17
CA GLU A 364 -23.31 -15.76 -3.71
C GLU A 364 -23.91 -15.94 -2.34
N LEU A 365 -23.61 -15.01 -1.44
CA LEU A 365 -24.11 -15.06 -0.07
C LEU A 365 -25.63 -14.95 0.02
N GLU A 366 -26.20 -14.02 -0.75
CA GLU A 366 -27.62 -13.75 -0.71
C GLU A 366 -28.48 -14.95 -1.13
N LEU A 367 -28.11 -15.57 -2.24
CA LEU A 367 -28.95 -16.63 -2.76
C LEU A 367 -28.49 -18.02 -2.30
N ALA A 368 -27.52 -18.02 -1.39
CA ALA A 368 -27.29 -19.12 -0.50
C ALA A 368 -28.13 -18.90 0.77
N GLY A 369 -28.82 -17.77 0.83
CA GLY A 369 -29.73 -17.43 1.93
C GLY A 369 -29.07 -16.77 3.13
N ARG A 370 -27.82 -16.35 3.00
CA ARG A 370 -27.06 -15.85 4.15
C ARG A 370 -26.99 -14.32 4.24
N LEU A 371 -27.58 -13.64 3.27
CA LEU A 371 -27.49 -12.19 3.21
C LEU A 371 -28.84 -11.52 3.26
N GLU A 372 -28.91 -10.45 4.04
CA GLU A 372 -30.07 -9.57 4.09
C GLU A 372 -29.77 -8.26 3.36
N ARG A 373 -30.68 -7.89 2.45
CA ARG A 373 -30.52 -6.71 1.64
C ARG A 373 -31.47 -5.63 2.17
N HIS A 374 -30.92 -4.46 2.52
CA HIS A 374 -31.73 -3.38 3.10
C HIS A 374 -31.94 -2.23 2.09
N GLY A 375 -32.63 -1.18 2.53
CA GLY A 375 -32.81 0.02 1.69
C GLY A 375 -31.52 0.72 1.33
N GLY A 376 -31.42 1.17 0.08
CA GLY A 376 -30.30 2.00 -0.39
C GLY A 376 -28.95 1.32 -0.41
N SER A 377 -28.90 0.12 -0.97
CA SER A 377 -27.65 -0.60 -1.20
C SER A 377 -26.90 -1.08 0.07
N LEU A 378 -27.63 -1.25 1.17
CA LEU A 378 -27.01 -1.64 2.45
C LEU A 378 -27.28 -3.11 2.76
N VAL A 379 -26.25 -3.80 3.25
CA VAL A 379 -26.31 -5.24 3.46
C VAL A 379 -25.85 -5.71 4.86
N SER A 380 -26.45 -6.81 5.33
CA SER A 380 -26.15 -7.44 6.63
C SER A 380 -26.01 -8.95 6.49
N LEU A 381 -25.34 -9.58 7.46
CA LEU A 381 -25.30 -11.06 7.62
C LEU A 381 -26.10 -11.51 8.83
#